data_6RNV
#
_entry.id   6RNV
#
_cell.length_a   66.847
_cell.length_b   66.847
_cell.length_c   133.008
_cell.angle_alpha   90.000
_cell.angle_beta   90.000
_cell.angle_gamma   120.000
#
_symmetry.space_group_name_H-M   'P 31 2 1'
#
loop_
_entity.id
_entity.type
_entity.pdbx_description
1 polymer 'Thermosynechococcus elongatus protochlorophyllide oxidoreductase (POR)'
2 non-polymer 'CHLORIDE ION'
3 water water
#
_entity_poly.entity_id   1
_entity_poly.type   'polypeptide(L)'
_entity_poly.pdbx_seq_one_letter_code
;MSDQPRPTVIITGASSGVGLYATKALANRGWHVIMACRNLEKAEQAAKNLQIPPEAYTILHLDLSSLASVRGFVESFRAL
NRPLRALVCNAAVYYPLLKEPIYSVDGYEITVATNHLGHFLLINLLLEDLKNSPESDKRLVILGTVTANRKELGGKIPIP
APPDLGNLEGFEKGFKKPIAMINGKPFKSGKAYKDSKLCNMLTARELHRRFHESTGIVFNSLYPGCVADTPLFRHHFPLF
QKLFPLFQKKITGGYVSQELAGERVAMVVADPEFRQSGVHWSWGNRQKEGRKAFVQELSAEASDEQKARRLWELSEKLVG
LALEHHHHHH
;
_entity_poly.pdbx_strand_id   A
#
# COMPACT_ATOMS: atom_id res chain seq x y z
N PRO A 5 -11.84 -12.48 -20.48
CA PRO A 5 -10.59 -12.17 -19.76
C PRO A 5 -10.85 -11.66 -18.36
N ARG A 6 -10.16 -12.22 -17.38
CA ARG A 6 -10.33 -11.79 -16.00
C ARG A 6 -9.59 -10.47 -15.80
N PRO A 7 -10.24 -9.46 -15.23
CA PRO A 7 -9.51 -8.25 -14.84
C PRO A 7 -8.46 -8.55 -13.80
N THR A 8 -7.35 -7.82 -13.86
CA THR A 8 -6.18 -8.08 -13.05
C THR A 8 -6.02 -7.07 -11.92
N VAL A 9 -5.79 -7.58 -10.72
CA VAL A 9 -5.50 -6.77 -9.54
C VAL A 9 -4.25 -7.30 -8.88
N ILE A 10 -3.38 -6.40 -8.45
CA ILE A 10 -2.21 -6.74 -7.64
C ILE A 10 -2.55 -6.45 -6.19
N ILE A 11 -2.26 -7.41 -5.30
CA ILE A 11 -2.45 -7.23 -3.86
C ILE A 11 -1.13 -7.50 -3.15
N THR A 12 -0.63 -6.51 -2.41
CA THR A 12 0.57 -6.75 -1.64
C THR A 12 0.21 -7.41 -0.31
N GLY A 13 1.14 -8.21 0.21
CA GLY A 13 0.90 -8.89 1.46
C GLY A 13 -0.22 -9.89 1.37
N ALA A 14 -0.29 -10.60 0.24
CA ALA A 14 -1.44 -11.42 -0.06
C ALA A 14 -1.37 -12.82 0.54
N SER A 15 -0.28 -13.19 1.24
CA SER A 15 -0.13 -14.57 1.69
C SER A 15 -0.85 -14.88 2.99
N SER A 16 -1.37 -13.87 3.69
CA SER A 16 -2.03 -14.13 4.95
C SER A 16 -3.02 -13.00 5.22
N GLY A 17 -3.91 -13.25 6.16
CA GLY A 17 -4.74 -12.19 6.69
C GLY A 17 -5.64 -11.53 5.67
N VAL A 18 -5.83 -10.22 5.86
CA VAL A 18 -6.74 -9.47 5.01
C VAL A 18 -6.37 -9.61 3.54
N GLY A 19 -5.08 -9.55 3.22
CA GLY A 19 -4.66 -9.65 1.82
C GLY A 19 -5.01 -11.00 1.20
N LEU A 20 -4.89 -12.07 1.97
CA LEU A 20 -5.22 -13.40 1.47
C LEU A 20 -6.72 -13.53 1.24
N TYR A 21 -7.53 -13.03 2.17
CA TYR A 21 -8.98 -13.11 2.02
C TYR A 21 -9.50 -12.14 0.97
N ALA A 22 -8.79 -11.03 0.73
CA ALA A 22 -9.14 -10.17 -0.38
C ALA A 22 -8.85 -10.86 -1.71
N THR A 23 -7.75 -11.62 -1.76
CA THR A 23 -7.43 -12.43 -2.92
C THR A 23 -8.54 -13.42 -3.19
N LYS A 24 -8.95 -14.16 -2.16
N LYS A 24 -8.97 -14.16 -2.17
CA LYS A 24 -10.04 -15.11 -2.31
CA LYS A 24 -10.04 -15.12 -2.33
C LYS A 24 -11.32 -14.43 -2.79
C LYS A 24 -11.32 -14.42 -2.81
N ALA A 25 -11.66 -13.29 -2.21
CA ALA A 25 -12.89 -12.60 -2.57
C ALA A 25 -12.86 -12.11 -4.02
N LEU A 26 -11.74 -11.53 -4.45
CA LEU A 26 -11.65 -11.02 -5.82
C LEU A 26 -11.60 -12.15 -6.82
N ALA A 27 -10.90 -13.25 -6.48
CA ALA A 27 -10.91 -14.42 -7.34
C ALA A 27 -12.34 -14.92 -7.53
N ASN A 28 -13.12 -14.97 -6.43
CA ASN A 28 -14.49 -15.45 -6.51
C ASN A 28 -15.34 -14.55 -7.39
N ARG A 29 -15.01 -13.27 -7.44
CA ARG A 29 -15.71 -12.30 -8.28
C ARG A 29 -15.27 -12.33 -9.73
N GLY A 30 -14.31 -13.17 -10.10
CA GLY A 30 -13.89 -13.28 -11.47
C GLY A 30 -12.64 -12.53 -11.82
N TRP A 31 -11.91 -12.00 -10.85
CA TRP A 31 -10.64 -11.33 -11.11
C TRP A 31 -9.50 -12.35 -11.15
N HIS A 32 -8.40 -11.92 -11.74
CA HIS A 32 -7.13 -12.63 -11.66
C HIS A 32 -6.25 -11.81 -10.72
N VAL A 33 -5.82 -12.42 -9.63
CA VAL A 33 -5.09 -11.73 -8.58
C VAL A 33 -3.61 -12.04 -8.71
N ILE A 34 -2.79 -11.00 -8.76
CA ILE A 34 -1.36 -11.13 -8.62
C ILE A 34 -1.07 -11.02 -7.13
N MET A 35 -0.74 -12.14 -6.50
CA MET A 35 -0.36 -12.19 -5.10
C MET A 35 1.11 -11.83 -5.00
N ALA A 36 1.39 -10.61 -4.53
CA ALA A 36 2.74 -10.07 -4.48
C ALA A 36 3.23 -10.31 -3.06
N CYS A 37 4.11 -11.30 -2.89
CA CYS A 37 4.39 -11.88 -1.59
C CYS A 37 5.87 -12.09 -1.35
N ARG A 38 6.28 -11.95 -0.08
CA ARG A 38 7.70 -12.05 0.19
C ARG A 38 8.21 -13.50 0.30
N ASN A 39 7.32 -14.46 0.51
CA ASN A 39 7.71 -15.85 0.65
C ASN A 39 6.85 -16.68 -0.31
N LEU A 40 7.45 -17.10 -1.44
CA LEU A 40 6.68 -17.77 -2.48
C LEU A 40 6.11 -19.10 -1.99
N GLU A 41 6.89 -19.85 -1.21
CA GLU A 41 6.40 -21.14 -0.74
C GLU A 41 5.20 -20.98 0.18
N LYS A 42 5.30 -20.04 1.12
CA LYS A 42 4.20 -19.79 2.05
C LYS A 42 2.98 -19.33 1.29
N ALA A 43 3.19 -18.48 0.28
CA ALA A 43 2.05 -17.94 -0.44
C ALA A 43 1.35 -19.03 -1.24
N GLU A 44 2.13 -19.90 -1.89
CA GLU A 44 1.49 -20.97 -2.65
C GLU A 44 0.75 -21.91 -1.71
N GLN A 45 1.37 -22.25 -0.57
CA GLN A 45 0.67 -23.10 0.39
C GLN A 45 -0.63 -22.44 0.85
N ALA A 46 -0.61 -21.13 1.10
CA ALA A 46 -1.81 -20.42 1.56
C ALA A 46 -2.89 -20.37 0.50
N ALA A 47 -2.54 -20.10 -0.76
CA ALA A 47 -3.55 -20.03 -1.80
C ALA A 47 -4.22 -21.38 -2.01
N LYS A 48 -3.43 -22.45 -2.04
CA LYS A 48 -4.00 -23.77 -2.19
C LYS A 48 -4.85 -24.13 -0.98
N ASN A 49 -4.38 -23.75 0.22
CA ASN A 49 -5.14 -24.02 1.44
C ASN A 49 -6.52 -23.39 1.38
N LEU A 50 -6.62 -22.17 0.85
N LEU A 50 -6.64 -22.17 0.85
CA LEU A 50 -7.91 -21.47 0.70
CA LEU A 50 -7.94 -21.51 0.71
C LEU A 50 -8.67 -21.92 -0.55
C LEU A 50 -8.71 -21.96 -0.53
N GLN A 51 -8.20 -22.94 -1.26
CA GLN A 51 -8.92 -23.51 -2.40
C GLN A 51 -9.14 -22.47 -3.50
N ILE A 52 -8.20 -21.57 -3.70
CA ILE A 52 -8.33 -20.57 -4.75
C ILE A 52 -8.02 -21.24 -6.09
N PRO A 53 -8.86 -21.10 -7.11
CA PRO A 53 -8.58 -21.78 -8.38
C PRO A 53 -7.29 -21.27 -9.02
N PRO A 54 -6.42 -22.16 -9.48
CA PRO A 54 -5.12 -21.69 -9.98
C PRO A 54 -5.24 -20.74 -11.15
N GLU A 55 -6.30 -20.85 -11.95
CA GLU A 55 -6.46 -19.93 -13.07
C GLU A 55 -6.69 -18.50 -12.61
N ALA A 56 -7.05 -18.31 -11.34
CA ALA A 56 -7.43 -17.01 -10.83
C ALA A 56 -6.32 -16.28 -10.12
N TYR A 57 -5.12 -16.85 -10.04
CA TYR A 57 -4.03 -16.13 -9.39
C TYR A 57 -2.69 -16.51 -9.96
N THR A 58 -1.73 -15.61 -9.74
CA THR A 58 -0.32 -15.80 -10.02
C THR A 58 0.43 -15.24 -8.81
N ILE A 59 1.34 -16.02 -8.26
CA ILE A 59 2.21 -15.56 -7.19
C ILE A 59 3.51 -15.05 -7.77
N LEU A 60 3.90 -13.84 -7.38
CA LEU A 60 5.17 -13.26 -7.77
C LEU A 60 5.86 -12.75 -6.52
N HIS A 61 7.19 -12.85 -6.50
CA HIS A 61 7.94 -12.45 -5.33
C HIS A 61 7.98 -10.93 -5.23
N LEU A 62 7.70 -10.41 -4.03
CA LEU A 62 7.84 -8.99 -3.72
C LEU A 62 8.23 -8.89 -2.25
N ASP A 63 9.40 -8.29 -1.97
CA ASP A 63 9.84 -7.96 -0.62
C ASP A 63 9.88 -6.45 -0.57
N LEU A 64 8.84 -5.84 0.03
CA LEU A 64 8.74 -4.39 0.05
C LEU A 64 9.85 -3.72 0.84
N SER A 65 10.57 -4.48 1.66
CA SER A 65 11.70 -3.95 2.40
C SER A 65 12.97 -3.81 1.56
N SER A 66 12.93 -4.19 0.27
CA SER A 66 14.06 -4.06 -0.63
C SER A 66 13.62 -3.34 -1.90
N LEU A 67 14.20 -2.18 -2.17
CA LEU A 67 13.82 -1.45 -3.38
C LEU A 67 14.18 -2.22 -4.66
N ALA A 68 15.26 -2.99 -4.65
CA ALA A 68 15.57 -3.81 -5.80
C ALA A 68 14.52 -4.89 -6.00
N SER A 69 13.97 -5.44 -4.91
CA SER A 69 12.90 -6.41 -5.00
C SER A 69 11.62 -5.79 -5.58
N VAL A 70 11.30 -4.56 -5.17
CA VAL A 70 10.17 -3.88 -5.76
C VAL A 70 10.35 -3.80 -7.27
N ARG A 71 11.52 -3.34 -7.72
CA ARG A 71 11.76 -3.23 -9.15
C ARG A 71 11.71 -4.61 -9.83
N GLY A 72 12.20 -5.66 -9.17
CA GLY A 72 12.14 -6.99 -9.76
C GLY A 72 10.73 -7.53 -9.83
N PHE A 73 9.91 -7.24 -8.81
CA PHE A 73 8.50 -7.60 -8.88
C PHE A 73 7.82 -6.93 -10.07
N VAL A 74 8.03 -5.63 -10.23
CA VAL A 74 7.40 -4.91 -11.34
C VAL A 74 7.84 -5.53 -12.67
N GLU A 75 9.13 -5.86 -12.79
CA GLU A 75 9.62 -6.56 -13.99
C GLU A 75 8.86 -7.86 -14.24
N SER A 76 8.71 -8.68 -13.20
N SER A 76 8.70 -8.68 -13.19
CA SER A 76 8.04 -9.96 -13.35
CA SER A 76 8.04 -9.97 -13.36
C SER A 76 6.57 -9.77 -13.70
C SER A 76 6.56 -9.81 -13.64
N PHE A 77 5.91 -8.80 -13.07
CA PHE A 77 4.51 -8.54 -13.36
C PHE A 77 4.35 -8.10 -14.82
N ARG A 78 5.18 -7.15 -15.26
CA ARG A 78 5.07 -6.63 -16.61
C ARG A 78 5.31 -7.74 -17.64
N ALA A 79 6.17 -8.71 -17.34
CA ALA A 79 6.45 -9.80 -18.26
C ALA A 79 5.24 -10.69 -18.50
N LEU A 80 4.22 -10.62 -17.65
CA LEU A 80 3.01 -11.41 -17.88
C LEU A 80 2.12 -10.84 -18.99
N ASN A 81 2.35 -9.60 -19.40
CA ASN A 81 1.53 -8.98 -20.46
C ASN A 81 0.04 -9.03 -20.14
N ARG A 82 -0.29 -8.72 -18.88
CA ARG A 82 -1.67 -8.56 -18.43
C ARG A 82 -1.92 -7.09 -18.13
N PRO A 83 -2.87 -6.43 -18.79
N PRO A 83 -2.91 -6.45 -18.76
CA PRO A 83 -3.20 -5.05 -18.39
CA PRO A 83 -3.22 -5.06 -18.39
C PRO A 83 -3.71 -5.01 -16.96
C PRO A 83 -3.75 -4.99 -16.96
N LEU A 84 -3.33 -3.96 -16.25
CA LEU A 84 -3.67 -3.81 -14.84
C LEU A 84 -4.95 -2.99 -14.66
N ARG A 85 -5.86 -3.48 -13.82
CA ARG A 85 -7.06 -2.71 -13.46
C ARG A 85 -6.98 -2.10 -12.07
N ALA A 86 -6.33 -2.77 -11.12
CA ALA A 86 -6.32 -2.26 -9.75
C ALA A 86 -5.08 -2.71 -9.00
N LEU A 87 -4.71 -1.90 -8.01
CA LEU A 87 -3.64 -2.19 -7.08
C LEU A 87 -4.16 -1.97 -5.68
N VAL A 88 -3.92 -2.93 -4.79
CA VAL A 88 -4.24 -2.84 -3.37
C VAL A 88 -2.95 -2.87 -2.58
N CYS A 89 -2.65 -1.78 -1.87
CA CYS A 89 -1.48 -1.72 -0.99
C CYS A 89 -1.93 -2.10 0.41
N ASN A 90 -1.73 -3.37 0.74
CA ASN A 90 -2.24 -4.00 1.94
C ASN A 90 -1.15 -4.42 2.92
N ALA A 91 0.03 -4.79 2.42
CA ALA A 91 1.08 -5.30 3.30
C ALA A 91 1.42 -4.28 4.38
N ALA A 92 1.65 -4.77 5.59
CA ALA A 92 2.12 -3.92 6.67
C ALA A 92 2.88 -4.78 7.66
N VAL A 93 4.05 -4.32 8.05
CA VAL A 93 4.85 -4.97 9.07
C VAL A 93 4.83 -4.11 10.32
N TYR A 94 5.06 -4.77 11.45
CA TYR A 94 5.01 -4.12 12.75
C TYR A 94 5.92 -4.91 13.68
N TYR A 95 6.78 -4.20 14.38
N TYR A 95 6.81 -4.18 14.35
CA TYR A 95 7.79 -4.81 15.25
CA TYR A 95 7.82 -4.75 15.24
C TYR A 95 7.68 -4.22 16.64
C TYR A 95 7.64 -4.16 16.63
N PRO A 96 6.65 -4.63 17.39
CA PRO A 96 6.32 -3.95 18.64
C PRO A 96 7.39 -4.01 19.71
N LEU A 97 8.25 -5.03 19.71
CA LEU A 97 9.19 -5.26 20.80
C LEU A 97 10.57 -4.66 20.57
N LEU A 98 10.85 -4.12 19.39
CA LEU A 98 12.17 -3.54 19.16
C LEU A 98 12.40 -2.35 20.07
N LYS A 99 13.60 -2.28 20.66
CA LYS A 99 14.08 -1.10 21.35
C LYS A 99 15.14 -0.34 20.56
N GLU A 100 15.80 -1.01 19.63
CA GLU A 100 16.74 -0.42 18.71
C GLU A 100 16.23 -0.69 17.30
N PRO A 101 16.52 0.19 16.35
CA PRO A 101 16.00 -0.02 14.99
C PRO A 101 16.70 -1.17 14.27
N ILE A 102 15.97 -1.66 13.26
CA ILE A 102 16.49 -2.57 12.24
C ILE A 102 16.47 -1.80 10.94
N TYR A 103 17.54 -1.92 10.16
CA TYR A 103 17.67 -1.24 8.89
C TYR A 103 17.51 -2.23 7.74
N SER A 104 16.81 -1.78 6.70
CA SER A 104 16.64 -2.56 5.49
C SER A 104 17.95 -2.65 4.72
N VAL A 105 17.93 -3.46 3.66
N VAL A 105 17.94 -3.46 3.66
CA VAL A 105 19.11 -3.59 2.81
CA VAL A 105 19.13 -3.59 2.82
C VAL A 105 19.50 -2.26 2.17
C VAL A 105 19.46 -2.32 2.06
N ASP A 106 18.55 -1.36 2.00
CA ASP A 106 18.79 -0.05 1.41
C ASP A 106 19.21 0.98 2.44
N GLY A 107 19.25 0.61 3.72
CA GLY A 107 19.74 1.49 4.76
C GLY A 107 18.68 2.26 5.52
N TYR A 108 17.43 1.85 5.46
CA TYR A 108 16.32 2.62 6.02
C TYR A 108 15.61 1.86 7.14
N GLU A 109 15.18 2.56 8.17
CA GLU A 109 14.46 1.91 9.27
C GLU A 109 13.32 1.08 8.70
N ILE A 110 13.20 -0.16 9.19
CA ILE A 110 12.46 -1.18 8.45
C ILE A 110 10.96 -0.93 8.37
N THR A 111 10.34 -0.39 9.41
CA THR A 111 8.88 -0.24 9.38
C THR A 111 8.47 0.77 8.34
N VAL A 112 9.10 1.94 8.36
CA VAL A 112 8.85 2.96 7.36
C VAL A 112 9.34 2.51 5.99
N ALA A 113 10.50 1.85 5.95
CA ALA A 113 11.02 1.40 4.67
C ALA A 113 10.05 0.46 3.97
N THR A 114 9.45 -0.46 4.73
CA THR A 114 8.61 -1.48 4.15
C THR A 114 7.23 -0.92 3.88
N ASN A 115 6.60 -0.35 4.89
CA ASN A 115 5.19 0.01 4.79
C ASN A 115 5.00 1.21 3.87
N HIS A 116 5.92 2.18 3.97
CA HIS A 116 5.84 3.40 3.16
C HIS A 116 6.76 3.36 1.95
N LEU A 117 8.08 3.29 2.13
CA LEU A 117 8.98 3.53 1.00
C LEU A 117 8.82 2.47 -0.10
N GLY A 118 8.72 1.20 0.29
CA GLY A 118 8.54 0.15 -0.70
C GLY A 118 7.24 0.32 -1.46
N HIS A 119 6.14 0.58 -0.74
CA HIS A 119 4.87 0.84 -1.40
C HIS A 119 4.94 2.07 -2.28
N PHE A 120 5.67 3.10 -1.82
CA PHE A 120 5.78 4.34 -2.59
C PHE A 120 6.45 4.09 -3.94
N LEU A 121 7.56 3.34 -3.94
CA LEU A 121 8.19 3.01 -5.22
C LEU A 121 7.28 2.14 -6.07
N LEU A 122 6.64 1.14 -5.45
CA LEU A 122 5.72 0.26 -6.16
C LEU A 122 4.61 1.05 -6.85
N ILE A 123 4.02 2.01 -6.12
CA ILE A 123 2.95 2.85 -6.64
C ILE A 123 3.46 3.67 -7.80
N ASN A 124 4.65 4.23 -7.66
N ASN A 124 4.65 4.26 -7.65
CA ASN A 124 5.16 5.09 -8.72
CA ASN A 124 5.18 5.10 -8.72
C ASN A 124 5.41 4.33 -10.01
C ASN A 124 5.33 4.30 -10.00
N LEU A 125 5.85 3.08 -9.90
CA LEU A 125 6.04 2.26 -11.08
C LEU A 125 4.70 1.78 -11.64
N LEU A 126 3.83 1.25 -10.77
CA LEU A 126 2.59 0.65 -11.25
C LEU A 126 1.59 1.71 -11.70
N LEU A 127 1.75 2.95 -11.29
CA LEU A 127 0.92 4.01 -11.85
C LEU A 127 1.08 4.07 -13.36
N GLU A 128 2.31 3.82 -13.86
N GLU A 128 2.26 3.77 -13.89
CA GLU A 128 2.55 3.71 -15.28
CA GLU A 128 2.41 3.79 -15.33
C GLU A 128 1.64 2.64 -15.90
C GLU A 128 1.68 2.61 -15.97
N ASP A 129 1.62 1.47 -15.28
CA ASP A 129 0.80 0.36 -15.79
C ASP A 129 -0.67 0.71 -15.76
N LEU A 130 -1.12 1.36 -14.69
CA LEU A 130 -2.52 1.76 -14.61
C LEU A 130 -2.85 2.76 -15.70
N LYS A 131 -1.97 3.74 -15.90
CA LYS A 131 -2.23 4.72 -16.94
C LYS A 131 -2.28 4.08 -18.33
N ASN A 132 -1.40 3.10 -18.60
CA ASN A 132 -1.32 2.47 -19.92
C ASN A 132 -2.52 1.55 -20.18
N SER A 133 -3.15 1.07 -19.13
CA SER A 133 -4.18 0.06 -19.26
C SER A 133 -5.44 0.62 -19.93
N PRO A 134 -6.06 -0.12 -20.84
CA PRO A 134 -7.33 0.33 -21.44
C PRO A 134 -8.55 0.13 -20.56
N GLU A 135 -8.38 -0.47 -19.39
CA GLU A 135 -9.51 -0.65 -18.48
C GLU A 135 -10.08 0.70 -18.12
N SER A 136 -11.41 0.76 -17.98
CA SER A 136 -12.07 2.04 -17.72
C SER A 136 -12.40 2.31 -16.25
N ASP A 137 -12.38 1.29 -15.40
CA ASP A 137 -12.71 1.45 -13.97
C ASP A 137 -11.50 1.00 -13.15
N LYS A 138 -10.46 1.83 -13.16
CA LYS A 138 -9.17 1.50 -12.55
C LYS A 138 -9.10 2.16 -11.19
N ARG A 139 -8.53 1.44 -10.22
CA ARG A 139 -8.50 1.91 -8.85
C ARG A 139 -7.18 1.55 -8.17
N LEU A 140 -6.72 2.44 -7.33
CA LEU A 140 -5.53 2.21 -6.50
C LEU A 140 -6.00 2.45 -5.06
N VAL A 141 -6.01 1.39 -4.27
CA VAL A 141 -6.61 1.36 -2.93
C VAL A 141 -5.50 1.13 -1.91
N ILE A 142 -5.42 2.00 -0.92
CA ILE A 142 -4.41 1.90 0.13
C ILE A 142 -5.12 1.59 1.45
N LEU A 143 -4.66 0.57 2.16
CA LEU A 143 -5.23 0.26 3.46
C LEU A 143 -4.66 1.17 4.51
N GLY A 144 -5.51 1.67 5.39
N GLY A 144 -5.52 1.68 5.38
CA GLY A 144 -4.99 2.49 6.46
CA GLY A 144 -5.00 2.50 6.45
C GLY A 144 -6.10 2.94 7.39
C GLY A 144 -6.09 2.93 7.39
N THR A 145 -5.68 3.67 8.42
CA THR A 145 -6.57 4.24 9.41
C THR A 145 -6.35 5.73 9.44
N VAL A 146 -7.42 6.47 9.68
CA VAL A 146 -7.32 7.91 9.79
C VAL A 146 -7.89 8.34 11.14
N PRO A 162 1.24 9.29 19.39
CA PRO A 162 0.53 9.35 18.10
C PRO A 162 1.52 9.61 16.97
N PRO A 163 1.11 9.35 15.73
CA PRO A 163 2.01 9.63 14.61
C PRO A 163 2.25 11.13 14.54
N ASP A 164 3.44 11.50 14.09
N ASP A 164 3.46 11.49 14.14
CA ASP A 164 3.85 12.90 14.00
CA ASP A 164 3.75 12.89 13.90
C ASP A 164 5.08 12.90 13.11
C ASP A 164 5.05 12.95 13.13
N LEU A 165 4.96 13.46 11.92
CA LEU A 165 6.07 13.46 11.01
C LEU A 165 6.92 14.70 11.19
N GLY A 166 6.53 15.59 12.08
CA GLY A 166 7.34 16.78 12.28
C GLY A 166 7.45 17.57 11.00
N ASN A 167 8.67 18.05 10.76
CA ASN A 167 9.04 18.67 9.49
C ASN A 167 9.81 17.71 8.61
N LEU A 168 9.68 16.42 8.85
N LEU A 168 9.64 16.41 8.83
CA LEU A 168 10.28 15.41 8.00
CA LEU A 168 10.27 15.38 8.02
C LEU A 168 11.81 15.51 8.02
C LEU A 168 11.79 15.47 8.03
N GLU A 169 12.39 15.99 9.14
N GLU A 169 12.37 15.93 9.14
CA GLU A 169 13.85 16.15 9.18
CA GLU A 169 13.80 16.15 9.20
C GLU A 169 14.57 14.84 8.85
C GLU A 169 14.59 14.87 8.95
N GLY A 170 14.07 13.72 9.38
CA GLY A 170 14.77 12.47 9.15
C GLY A 170 14.86 12.13 7.67
N PHE A 171 13.79 12.45 6.91
CA PHE A 171 13.81 12.27 5.46
C PHE A 171 14.67 13.31 4.78
N GLU A 172 14.58 14.58 5.22
CA GLU A 172 15.37 15.64 4.63
C GLU A 172 16.86 15.34 4.74
N LYS A 173 17.28 14.69 5.81
CA LYS A 173 18.69 14.39 6.01
C LYS A 173 19.11 13.04 5.45
N GLY A 174 18.22 12.35 4.73
CA GLY A 174 18.60 11.17 4.00
C GLY A 174 18.14 9.85 4.56
N PHE A 175 17.63 9.85 5.79
CA PHE A 175 17.03 8.68 6.43
C PHE A 175 17.95 7.49 6.59
N LYS A 176 19.28 7.71 6.62
N LYS A 176 19.27 7.70 6.62
CA LYS A 176 20.23 6.64 6.84
CA LYS A 176 20.21 6.61 6.83
C LYS A 176 20.64 6.59 8.31
C LYS A 176 20.67 6.60 8.29
N LYS A 177 21.19 5.45 8.70
CA LYS A 177 21.68 5.30 10.06
C LYS A 177 22.56 6.49 10.46
N PRO A 178 22.43 6.99 11.69
CA PRO A 178 21.59 6.50 12.78
C PRO A 178 20.18 7.07 12.80
N ILE A 179 19.74 7.78 11.74
CA ILE A 179 18.37 8.27 11.71
C ILE A 179 17.43 7.07 11.76
N ALA A 180 16.36 7.19 12.54
CA ALA A 180 15.42 6.08 12.70
C ALA A 180 13.98 6.49 12.74
N MET A 181 13.66 7.78 12.59
CA MET A 181 12.29 8.27 12.59
C MET A 181 12.17 9.36 11.56
N ILE A 182 10.98 9.46 10.94
CA ILE A 182 10.76 10.47 9.90
C ILE A 182 11.00 11.87 10.43
N ASN A 183 10.64 12.16 11.67
CA ASN A 183 10.81 13.49 12.25
C ASN A 183 12.21 13.69 12.82
N GLY A 184 13.09 12.72 12.70
CA GLY A 184 14.45 12.87 13.18
C GLY A 184 14.64 12.66 14.67
N LYS A 185 13.61 12.30 15.41
CA LYS A 185 13.74 12.10 16.84
C LYS A 185 14.05 10.65 17.17
N PRO A 186 14.28 10.31 18.44
CA PRO A 186 14.77 8.96 18.73
C PRO A 186 13.78 7.85 18.39
N PHE A 187 14.33 6.70 18.04
CA PHE A 187 13.53 5.58 17.60
C PHE A 187 12.51 5.15 18.63
N LYS A 188 11.28 4.95 18.17
CA LYS A 188 10.20 4.32 18.94
C LYS A 188 9.45 3.43 17.96
N SER A 189 9.45 2.13 18.20
N SER A 189 9.42 2.13 18.22
CA SER A 189 8.95 1.20 17.19
CA SER A 189 8.96 1.18 17.22
C SER A 189 7.44 1.34 16.95
C SER A 189 7.45 1.28 16.97
N GLY A 190 6.65 1.51 18.01
CA GLY A 190 5.22 1.62 17.81
C GLY A 190 4.87 2.89 17.06
N LYS A 191 5.55 3.98 17.40
CA LYS A 191 5.33 5.23 16.68
C LYS A 191 5.79 5.10 15.24
N ALA A 192 6.89 4.39 14.99
CA ALA A 192 7.33 4.21 13.61
C ALA A 192 6.22 3.56 12.78
N TYR A 193 5.51 2.59 13.36
CA TYR A 193 4.41 1.94 12.65
C TYR A 193 3.32 2.97 12.36
N LYS A 194 2.90 3.72 13.39
CA LYS A 194 1.85 4.72 13.19
C LYS A 194 2.28 5.76 12.17
N ASP A 195 3.54 6.19 12.23
CA ASP A 195 4.05 7.15 11.25
C ASP A 195 3.97 6.56 9.84
N SER A 196 4.32 5.30 9.69
CA SER A 196 4.27 4.68 8.37
C SER A 196 2.86 4.62 7.82
N LYS A 197 1.88 4.37 8.69
N LYS A 197 1.87 4.37 8.69
N LYS A 197 1.87 4.37 8.69
CA LYS A 197 0.49 4.34 8.23
CA LYS A 197 0.49 4.33 8.23
CA LYS A 197 0.48 4.33 8.21
C LYS A 197 0.00 5.73 7.85
C LYS A 197 -0.03 5.71 7.88
C LYS A 197 -0.02 5.73 7.86
N LEU A 198 0.42 6.75 8.60
CA LEU A 198 0.09 8.12 8.22
C LEU A 198 0.70 8.45 6.87
N CYS A 199 1.92 7.96 6.61
CA CYS A 199 2.50 8.17 5.29
C CYS A 199 1.63 7.53 4.22
N ASN A 200 1.12 6.33 4.47
CA ASN A 200 0.23 5.68 3.49
C ASN A 200 -1.00 6.54 3.21
N MET A 201 -1.58 7.13 4.25
CA MET A 201 -2.74 7.99 4.05
C MET A 201 -2.39 9.26 3.30
N LEU A 202 -1.26 9.87 3.62
CA LEU A 202 -0.82 11.04 2.87
C LEU A 202 -0.55 10.70 1.41
N THR A 203 -0.06 9.50 1.14
CA THR A 203 0.17 9.08 -0.23
C THR A 203 -1.15 8.97 -0.97
N ALA A 204 -2.17 8.39 -0.34
CA ALA A 204 -3.47 8.28 -0.98
C ALA A 204 -4.02 9.66 -1.31
N ARG A 205 -3.86 10.63 -0.40
CA ARG A 205 -4.40 11.95 -0.66
C ARG A 205 -3.65 12.64 -1.80
N GLU A 206 -2.32 12.50 -1.82
CA GLU A 206 -1.52 13.14 -2.85
C GLU A 206 -1.77 12.51 -4.21
N LEU A 207 -1.96 11.19 -4.25
CA LEU A 207 -2.31 10.54 -5.50
C LEU A 207 -3.57 11.14 -6.09
N HIS A 208 -4.60 11.26 -5.27
CA HIS A 208 -5.84 11.87 -5.74
C HIS A 208 -5.61 13.29 -6.20
N ARG A 209 -4.95 14.10 -5.39
CA ARG A 209 -4.78 15.50 -5.74
C ARG A 209 -4.06 15.65 -7.06
N ARG A 210 -2.99 14.88 -7.23
CA ARG A 210 -2.14 15.08 -8.40
C ARG A 210 -2.67 14.39 -9.65
N PHE A 211 -3.33 13.23 -9.52
CA PHE A 211 -3.57 12.38 -10.68
C PHE A 211 -5.03 12.03 -10.96
N HIS A 212 -5.98 12.26 -10.06
CA HIS A 212 -7.33 11.78 -10.36
C HIS A 212 -7.89 12.43 -11.62
N GLU A 213 -7.81 13.74 -11.73
CA GLU A 213 -8.40 14.43 -12.88
C GLU A 213 -7.67 14.08 -14.16
N SER A 214 -6.34 13.96 -14.11
CA SER A 214 -5.59 13.76 -15.35
C SER A 214 -5.65 12.32 -15.84
N THR A 215 -5.82 11.34 -14.95
CA THR A 215 -5.81 9.93 -15.32
C THR A 215 -7.17 9.25 -15.27
N GLY A 216 -8.12 9.78 -14.51
CA GLY A 216 -9.38 9.10 -14.29
C GLY A 216 -9.30 7.91 -13.36
N ILE A 217 -8.12 7.60 -12.82
CA ILE A 217 -8.00 6.51 -11.87
C ILE A 217 -8.58 6.96 -10.54
N VAL A 218 -9.25 6.04 -9.86
CA VAL A 218 -9.81 6.30 -8.53
C VAL A 218 -8.74 5.95 -7.50
N PHE A 219 -8.39 6.92 -6.65
CA PHE A 219 -7.38 6.75 -5.62
C PHE A 219 -8.07 6.91 -4.27
N ASN A 220 -8.23 5.83 -3.52
N ASN A 220 -8.16 5.80 -3.53
CA ASN A 220 -8.89 5.91 -2.23
CA ASN A 220 -8.92 5.78 -2.29
C ASN A 220 -8.18 5.04 -1.22
C ASN A 220 -8.15 5.04 -1.21
N SER A 221 -8.69 5.07 -0.01
CA SER A 221 -8.15 4.29 1.08
C SER A 221 -9.32 3.69 1.84
N LEU A 222 -9.01 2.69 2.66
CA LEU A 222 -10.06 2.09 3.47
C LEU A 222 -9.46 1.55 4.76
N TYR A 223 -10.30 1.53 5.78
CA TYR A 223 -10.05 0.80 7.02
C TYR A 223 -11.15 -0.24 7.12
N PRO A 224 -10.85 -1.53 6.98
CA PRO A 224 -11.91 -2.52 6.90
C PRO A 224 -12.46 -2.92 8.25
N GLY A 225 -11.90 -2.40 9.33
CA GLY A 225 -12.30 -2.78 10.67
C GLY A 225 -11.16 -3.45 11.43
N CYS A 226 -11.37 -3.55 12.74
CA CYS A 226 -10.39 -4.19 13.60
C CYS A 226 -10.45 -5.69 13.40
N VAL A 227 -9.40 -6.26 12.81
CA VAL A 227 -9.34 -7.69 12.53
C VAL A 227 -8.47 -8.39 13.56
N TYR A 255 -13.26 -8.21 16.42
CA TYR A 255 -14.18 -7.30 15.75
C TYR A 255 -14.73 -7.90 14.48
N VAL A 256 -13.99 -7.77 13.39
CA VAL A 256 -14.40 -8.30 12.11
C VAL A 256 -13.49 -9.46 11.74
N SER A 257 -14.05 -10.47 11.09
CA SER A 257 -13.23 -11.57 10.65
C SER A 257 -12.31 -11.15 9.50
N GLN A 258 -11.23 -11.91 9.32
CA GLN A 258 -10.35 -11.71 8.17
C GLN A 258 -11.13 -11.86 6.88
N GLU A 259 -12.06 -12.80 6.83
CA GLU A 259 -12.84 -13.00 5.62
C GLU A 259 -13.71 -11.78 5.31
N LEU A 260 -14.39 -11.25 6.32
CA LEU A 260 -15.20 -10.05 6.10
C LEU A 260 -14.34 -8.87 5.69
N ALA A 261 -13.20 -8.69 6.34
CA ALA A 261 -12.32 -7.60 5.96
C ALA A 261 -11.87 -7.76 4.51
N GLY A 262 -11.54 -8.98 4.10
CA GLY A 262 -11.14 -9.19 2.71
C GLY A 262 -12.27 -8.88 1.74
N GLU A 263 -13.50 -9.24 2.11
N GLU A 263 -13.50 -9.24 2.11
CA GLU A 263 -14.66 -8.90 1.28
CA GLU A 263 -14.65 -8.89 1.28
C GLU A 263 -14.85 -7.40 1.18
C GLU A 263 -14.81 -7.39 1.16
N ARG A 264 -14.56 -6.66 2.25
CA ARG A 264 -14.65 -5.21 2.21
C ARG A 264 -13.58 -4.60 1.30
N VAL A 265 -12.36 -5.12 1.32
CA VAL A 265 -11.37 -4.71 0.34
C VAL A 265 -11.90 -4.93 -1.07
N ALA A 266 -12.48 -6.11 -1.30
CA ALA A 266 -12.95 -6.41 -2.64
C ALA A 266 -14.05 -5.44 -3.09
N MET A 267 -14.93 -5.04 -2.17
N MET A 267 -14.94 -5.05 -2.18
CA MET A 267 -15.98 -4.08 -2.51
CA MET A 267 -15.97 -4.08 -2.53
C MET A 267 -15.38 -2.74 -2.93
C MET A 267 -15.36 -2.75 -2.96
N VAL A 268 -14.36 -2.27 -2.21
CA VAL A 268 -13.76 -0.99 -2.53
C VAL A 268 -13.02 -1.06 -3.86
N VAL A 269 -12.43 -2.22 -4.18
CA VAL A 269 -11.77 -2.39 -5.48
C VAL A 269 -12.76 -2.44 -6.63
N ALA A 270 -13.87 -3.18 -6.47
CA ALA A 270 -14.66 -3.66 -7.59
C ALA A 270 -16.06 -3.08 -7.71
N ASP A 271 -16.70 -2.67 -6.60
CA ASP A 271 -18.13 -2.40 -6.68
C ASP A 271 -18.41 -0.96 -7.07
N PRO A 272 -19.53 -0.71 -7.75
CA PRO A 272 -19.77 0.65 -8.29
C PRO A 272 -20.04 1.67 -7.20
N GLU A 273 -20.55 1.25 -6.04
CA GLU A 273 -20.88 2.18 -4.98
C GLU A 273 -19.64 2.84 -4.40
N PHE A 274 -18.47 2.26 -4.66
CA PHE A 274 -17.22 2.77 -4.11
C PHE A 274 -16.38 3.49 -5.15
N ARG A 275 -16.97 3.81 -6.30
N ARG A 275 -16.96 3.79 -6.31
CA ARG A 275 -16.26 4.47 -7.38
CA ARG A 275 -16.24 4.46 -7.39
C ARG A 275 -16.23 5.98 -7.14
C ARG A 275 -16.23 5.97 -7.15
N GLN A 276 -15.49 6.36 -6.12
CA GLN A 276 -15.30 7.76 -5.78
C GLN A 276 -13.86 7.92 -5.38
N SER A 277 -13.18 8.90 -5.95
CA SER A 277 -11.77 9.13 -5.65
C SER A 277 -11.62 10.11 -4.50
N GLY A 278 -10.51 9.97 -3.78
CA GLY A 278 -10.15 10.97 -2.81
C GLY A 278 -10.75 10.82 -1.44
N VAL A 279 -11.35 9.66 -1.15
CA VAL A 279 -12.04 9.41 0.10
C VAL A 279 -11.42 8.23 0.83
N HIS A 280 -11.65 8.23 2.13
CA HIS A 280 -11.30 7.13 3.00
C HIS A 280 -12.56 6.45 3.46
N TRP A 281 -12.72 5.18 3.11
CA TRP A 281 -13.89 4.42 3.48
C TRP A 281 -13.65 3.70 4.80
N SER A 282 -14.67 3.68 5.63
CA SER A 282 -14.56 3.00 6.90
C SER A 282 -15.89 2.35 7.25
N TRP A 283 -15.81 1.29 8.03
CA TRP A 283 -16.99 0.67 8.61
C TRP A 283 -16.86 0.86 10.13
N LYS A 292 -23.14 0.01 7.41
N LYS A 292 -22.88 -0.25 7.53
CA LYS A 292 -22.74 0.39 6.06
CA LYS A 292 -22.61 0.19 6.16
C LYS A 292 -21.38 1.08 6.08
C LYS A 292 -21.34 1.03 6.10
N ALA A 293 -20.70 1.07 4.94
CA ALA A 293 -19.51 1.90 4.81
C ALA A 293 -19.88 3.37 4.85
N PHE A 294 -18.95 4.18 5.32
CA PHE A 294 -19.10 5.62 5.30
C PHE A 294 -17.79 6.29 4.92
N VAL A 295 -17.89 7.48 4.38
CA VAL A 295 -16.73 8.32 4.10
C VAL A 295 -16.30 8.98 5.40
N GLN A 296 -15.08 8.68 5.83
N GLN A 296 -15.09 8.67 5.83
CA GLN A 296 -14.55 9.16 7.10
CA GLN A 296 -14.57 9.17 7.10
C GLN A 296 -13.77 10.44 6.88
C GLN A 296 -13.79 10.46 6.86
N GLU A 297 -14.08 11.48 7.67
CA GLU A 297 -13.34 12.73 7.60
C GLU A 297 -11.90 12.47 8.03
N LEU A 298 -10.95 13.10 7.34
CA LEU A 298 -9.55 12.88 7.62
C LEU A 298 -9.09 13.68 8.85
N SER A 299 -8.08 13.13 9.55
CA SER A 299 -7.36 13.88 10.59
C SER A 299 -6.70 15.11 9.98
N ALA A 300 -6.39 16.11 10.82
CA ALA A 300 -5.67 17.28 10.31
C ALA A 300 -4.34 16.90 9.68
N GLU A 301 -3.57 16.00 10.31
CA GLU A 301 -2.26 15.71 9.72
C GLU A 301 -2.39 14.94 8.42
N ALA A 302 -3.39 14.07 8.30
CA ALA A 302 -3.57 13.35 7.04
C ALA A 302 -4.15 14.23 5.94
N SER A 303 -4.77 15.35 6.32
N SER A 303 -4.79 15.35 6.27
CA SER A 303 -5.39 16.29 5.41
CA SER A 303 -5.35 16.25 5.28
C SER A 303 -4.44 17.39 4.96
C SER A 303 -4.48 17.48 5.05
N ASP A 304 -3.25 17.49 5.55
CA ASP A 304 -2.29 18.57 5.31
C ASP A 304 -1.71 18.42 3.91
N GLU A 305 -2.16 19.27 2.98
CA GLU A 305 -1.78 19.12 1.57
C GLU A 305 -0.31 19.46 1.34
N GLN A 306 0.20 20.47 2.04
CA GLN A 306 1.61 20.80 1.92
C GLN A 306 2.47 19.65 2.37
N LYS A 307 2.13 19.04 3.51
CA LYS A 307 2.93 17.94 4.02
C LYS A 307 2.86 16.72 3.11
N ALA A 308 1.69 16.43 2.55
CA ALA A 308 1.61 15.29 1.63
C ALA A 308 2.51 15.50 0.42
N ARG A 309 2.54 16.73 -0.11
CA ARG A 309 3.40 16.99 -1.26
C ARG A 309 4.87 16.89 -0.87
N ARG A 310 5.25 17.44 0.29
N ARG A 310 5.25 17.45 0.29
N ARG A 310 5.24 17.46 0.28
CA ARG A 310 6.64 17.37 0.70
CA ARG A 310 6.63 17.37 0.72
CA ARG A 310 6.63 17.38 0.73
C ARG A 310 7.07 15.93 0.98
C ARG A 310 7.05 15.93 0.97
C ARG A 310 7.04 15.92 0.95
N LEU A 311 6.18 15.14 1.59
CA LEU A 311 6.48 13.73 1.80
C LEU A 311 6.73 13.03 0.48
N TRP A 312 5.90 13.31 -0.51
CA TRP A 312 6.06 12.71 -1.83
C TRP A 312 7.43 13.05 -2.40
N GLU A 313 7.80 14.35 -2.39
CA GLU A 313 9.05 14.77 -2.98
C GLU A 313 10.24 14.12 -2.28
N LEU A 314 10.21 14.08 -0.95
CA LEU A 314 11.33 13.48 -0.24
C LEU A 314 11.37 11.97 -0.47
N SER A 315 10.21 11.32 -0.56
CA SER A 315 10.17 9.89 -0.78
C SER A 315 10.73 9.54 -2.15
N GLU A 316 10.46 10.37 -3.17
CA GLU A 316 11.06 10.12 -4.47
C GLU A 316 12.56 10.09 -4.38
N LYS A 317 13.15 11.04 -3.62
N LYS A 317 13.14 11.03 -3.61
CA LYS A 317 14.59 11.05 -3.47
CA LYS A 317 14.59 11.06 -3.44
C LYS A 317 15.07 9.76 -2.82
C LYS A 317 15.09 9.79 -2.80
N LEU A 318 14.42 9.35 -1.74
CA LEU A 318 14.88 8.18 -1.00
C LEU A 318 14.79 6.88 -1.79
N VAL A 319 13.83 6.77 -2.72
CA VAL A 319 13.67 5.54 -3.48
C VAL A 319 14.34 5.59 -4.85
N GLY A 320 15.06 6.66 -5.17
CA GLY A 320 15.82 6.70 -6.40
C GLY A 320 15.08 7.19 -7.61
N LEU A 321 13.99 7.94 -7.42
CA LEU A 321 13.19 8.49 -8.50
C LEU A 321 13.43 9.96 -8.77
N ALA A 322 14.15 10.66 -7.89
CA ALA A 322 14.36 12.10 -8.05
C ALA A 322 15.41 12.47 -9.09
#